data_5RBX
#
_entry.id   5RBX
#
_cell.length_a   45.190
_cell.length_b   73.296
_cell.length_c   52.495
_cell.angle_alpha   90.000
_cell.angle_beta   108.980
_cell.angle_gamma   90.000
#
_symmetry.space_group_name_H-M   'P 1 21 1'
#
loop_
_entity.id
_entity.type
_entity.pdbx_description
1 polymer Endothiapepsin
2 non-polymer GLYCEROL
3 non-polymer 'ACETATE ION'
4 non-polymer 'TETRAETHYLENE GLYCOL'
5 non-polymer 'SODIUM ION'
6 non-polymer 2-methyl-N-(4-methylphenyl)-L-alanine
7 non-polymer 'DIMETHYL SULFOXIDE'
8 water water
#
_entity_poly.entity_id   1
_entity_poly.type   'polypeptide(L)'
_entity_poly.pdbx_seq_one_letter_code
;MSSPLKNALVTAMLAGGALSSPTKQHVGIPVNASPEVGPGKYSFKQVRNPNYKFNGPLSVKKTYLKYGVPIPAWLEDAVQ
NSTSGLAERSTGSATTTPIDSLDDAYITPVQIGTPAQTLNLDFDTGSSDLWVFSSETTASEVDGQTIYTPSKSTTAKLLS
GATWSISYGDGSSSSGDVYTDTVSVGGLTVTGQAVESAKKVSSSFTEDSTIDGLLGLAFSTLNTVSPTQQKTFFDNAKAS
LDSPVFTADLGYHAPGTYNFGFIDTTAYTGSITYTAVSTKQGFWEWTSTGYAVGSGTFKSTSIDGIADTGTTLLYLPATV
VSAYWAQVSGAKSSSSVGGYVFPCSATLPSFTFGVGSARIVIPGDYIDFGPISTGSSSCFGGIQSSAGIGINIFGDVALK
AAFVVFNGATTPTLGFASK
;
_entity_poly.pdbx_strand_id   A
#
loop_
_chem_comp.id
_chem_comp.type
_chem_comp.name
_chem_comp.formula
ACT non-polymer 'ACETATE ION' 'C2 H3 O2 -1'
DMS non-polymer 'DIMETHYL SULFOXIDE' 'C2 H6 O S'
GOL non-polymer GLYCEROL 'C3 H8 O3'
NA non-polymer 'SODIUM ION' 'Na 1'
PG4 non-polymer 'TETRAETHYLENE GLYCOL' 'C8 H18 O5'
R9J non-polymer 2-methyl-N-(4-methylphenyl)-L-alanine 'C11 H15 N O2'
#
# COMPACT_ATOMS: atom_id res chain seq x y z
N SER A 90 -17.06 -18.71 -2.13
N SER A 90 -17.14 -18.76 -1.92
CA SER A 90 -15.64 -19.02 -1.78
CA SER A 90 -15.76 -19.12 -1.52
C SER A 90 -15.11 -17.95 -0.81
C SER A 90 -15.15 -17.97 -0.71
N THR A 91 -14.04 -18.30 -0.10
CA THR A 91 -13.27 -17.34 0.71
C THR A 91 -11.80 -17.63 0.54
N GLY A 92 -10.96 -16.69 0.97
CA GLY A 92 -9.54 -16.94 1.16
C GLY A 92 -9.05 -16.24 2.40
N SER A 93 -7.95 -16.72 2.96
CA SER A 93 -7.36 -16.10 4.16
C SER A 93 -5.88 -16.31 4.13
N ALA A 94 -5.06 -15.26 4.12
CA ALA A 94 -3.62 -15.39 4.03
C ALA A 94 -2.97 -14.50 5.08
N THR A 95 -1.90 -14.98 5.66
CA THR A 95 -1.11 -14.16 6.58
C THR A 95 -0.21 -13.22 5.84
N THR A 96 -0.10 -11.99 6.31
CA THR A 96 0.80 -10.97 5.76
C THR A 96 1.83 -10.65 6.80
N THR A 97 3.08 -10.51 6.38
CA THR A 97 4.23 -10.48 7.31
C THR A 97 5.05 -9.23 7.01
N PRO A 98 5.47 -8.46 8.02
N PRO A 98 5.42 -8.40 8.01
N PRO A 98 5.46 -8.45 8.02
N PRO A 98 5.42 -8.40 8.01
CA PRO A 98 6.29 -7.28 7.74
CA PRO A 98 6.39 -7.33 7.78
CA PRO A 98 6.28 -7.27 7.73
CA PRO A 98 6.39 -7.32 7.78
C PRO A 98 7.65 -7.71 7.17
C PRO A 98 7.68 -7.79 7.08
C PRO A 98 7.65 -7.70 7.17
C PRO A 98 7.68 -7.78 7.08
N ILE A 99 8.17 -6.94 6.20
CA ILE A 99 9.45 -7.28 5.53
C ILE A 99 10.62 -6.96 6.40
N ASP A 100 10.49 -6.15 7.42
CA ASP A 100 11.62 -5.69 8.24
C ASP A 100 11.10 -5.21 9.54
N SER A 101 12.01 -4.77 10.43
CA SER A 101 11.71 -4.40 11.82
C SER A 101 10.94 -3.07 11.90
N LEU A 102 10.79 -2.36 10.81
CA LEU A 102 10.09 -1.07 10.79
C LEU A 102 8.69 -1.20 10.24
N ASP A 103 8.28 -2.35 9.76
CA ASP A 103 7.00 -2.49 9.04
C ASP A 103 7.02 -1.62 7.79
N ASP A 104 8.12 -1.64 7.06
CA ASP A 104 8.17 -0.80 5.85
C ASP A 104 7.18 -1.26 4.77
N ALA A 105 6.87 -2.54 4.77
CA ALA A 105 5.89 -3.13 3.85
C ALA A 105 5.59 -4.47 4.40
N TYR A 106 4.59 -5.13 3.82
CA TYR A 106 4.11 -6.45 4.21
C TYR A 106 4.09 -7.35 2.98
N ILE A 107 4.46 -8.59 3.16
CA ILE A 107 4.40 -9.59 2.07
C ILE A 107 3.45 -10.71 2.41
N THR A 108 2.79 -11.20 1.36
CA THR A 108 1.76 -12.22 1.49
C THR A 108 2.08 -13.28 0.45
N PRO A 109 2.13 -14.58 0.81
CA PRO A 109 2.42 -15.61 -0.17
C PRO A 109 1.25 -15.78 -1.14
N VAL A 110 1.61 -15.94 -2.40
CA VAL A 110 0.65 -16.09 -3.51
C VAL A 110 1.09 -17.26 -4.39
N GLN A 111 0.20 -18.18 -4.69
CA GLN A 111 0.49 -19.31 -5.57
C GLN A 111 0.15 -18.96 -7.01
N ILE A 112 1.10 -19.09 -7.90
CA ILE A 112 0.89 -18.77 -9.34
C ILE A 112 1.25 -20.01 -10.17
N GLY A 113 0.37 -20.41 -11.06
CA GLY A 113 0.74 -21.45 -12.02
C GLY A 113 0.48 -22.83 -11.53
N THR A 114 0.82 -23.79 -12.42
CA THR A 114 0.60 -25.22 -12.18
C THR A 114 1.83 -25.98 -12.64
N PRO A 115 2.57 -26.70 -11.80
CA PRO A 115 2.42 -26.70 -10.34
C PRO A 115 2.63 -25.30 -9.77
N ALA A 116 2.15 -25.07 -8.54
CA ALA A 116 2.25 -23.76 -7.90
C ALA A 116 3.68 -23.28 -7.84
N GLN A 117 3.84 -22.01 -8.12
CA GLN A 117 5.05 -21.25 -7.84
C GLN A 117 4.66 -20.22 -6.77
N THR A 118 5.21 -20.25 -5.59
CA THR A 118 4.82 -19.35 -4.51
C THR A 118 5.76 -18.16 -4.52
N LEU A 119 5.20 -16.98 -4.69
CA LEU A 119 5.90 -15.71 -4.64
C LEU A 119 5.33 -14.87 -3.50
N ASN A 120 6.15 -14.06 -2.88
CA ASN A 120 5.73 -13.19 -1.77
C ASN A 120 5.48 -11.80 -2.32
N LEU A 121 4.19 -11.42 -2.39
N LEU A 121 4.19 -11.42 -2.39
N LEU A 121 4.19 -11.41 -2.38
N LEU A 121 4.19 -11.41 -2.38
CA LEU A 121 3.76 -10.17 -3.04
CA LEU A 121 3.76 -10.17 -3.04
CA LEU A 121 3.80 -10.16 -3.04
CA LEU A 121 3.80 -10.16 -3.04
C LEU A 121 3.34 -9.14 -2.01
C LEU A 121 3.34 -9.14 -2.01
C LEU A 121 3.39 -9.13 -2.00
C LEU A 121 3.39 -9.13 -2.00
N ASP A 122 3.55 -7.90 -2.39
N ASP A 122 3.55 -7.90 -2.39
N ASP A 122 3.53 -7.88 -2.43
N ASP A 122 3.53 -7.88 -2.43
CA ASP A 122 3.11 -6.72 -1.64
CA ASP A 122 3.11 -6.72 -1.64
CA ASP A 122 3.11 -6.71 -1.65
CA ASP A 122 3.11 -6.71 -1.65
C ASP A 122 1.70 -6.35 -2.07
C ASP A 122 1.70 -6.35 -2.07
C ASP A 122 1.70 -6.35 -2.07
C ASP A 122 1.70 -6.35 -2.07
N PHE A 123 0.71 -6.63 -1.24
CA PHE A 123 -0.69 -6.34 -1.55
C PHE A 123 -0.90 -4.84 -1.42
N ASP A 124 -1.33 -4.20 -2.50
N ASP A 124 -1.33 -4.20 -2.50
N ASP A 124 -1.38 -4.19 -2.48
N ASP A 124 -1.38 -4.19 -2.48
CA ASP A 124 -1.32 -2.73 -2.59
CA ASP A 124 -1.32 -2.73 -2.59
CA ASP A 124 -1.31 -2.74 -2.64
CA ASP A 124 -1.31 -2.74 -2.64
C ASP A 124 -2.71 -2.23 -2.96
C ASP A 124 -2.71 -2.23 -2.96
C ASP A 124 -2.69 -2.19 -2.98
C ASP A 124 -2.69 -2.19 -2.98
N THR A 125 -3.45 -1.72 -2.00
CA THR A 125 -4.76 -1.14 -2.27
C THR A 125 -4.68 0.22 -2.96
N GLY A 126 -3.50 0.72 -3.25
CA GLY A 126 -3.28 1.92 -4.04
C GLY A 126 -2.88 1.71 -5.48
N SER A 127 -2.97 0.50 -5.99
N SER A 127 -2.97 0.50 -5.99
N SER A 127 -2.85 0.49 -6.00
N SER A 127 -2.85 0.49 -6.00
CA SER A 127 -2.69 0.25 -7.41
CA SER A 127 -2.69 0.25 -7.41
CA SER A 127 -2.54 0.24 -7.43
CA SER A 127 -2.54 0.24 -7.43
C SER A 127 -3.41 -1.00 -7.86
C SER A 127 -3.41 -1.00 -7.86
C SER A 127 -3.35 -0.97 -7.88
C SER A 127 -3.35 -0.97 -7.88
N SER A 128 -3.34 -1.26 -9.17
CA SER A 128 -4.27 -2.22 -9.75
C SER A 128 -3.61 -3.20 -10.70
N ASP A 129 -2.32 -3.40 -10.56
N ASP A 129 -2.32 -3.40 -10.56
N ASP A 129 -2.30 -3.40 -10.58
N ASP A 129 -2.30 -3.40 -10.58
CA ASP A 129 -1.55 -4.37 -11.39
CA ASP A 129 -1.55 -4.37 -11.39
CA ASP A 129 -1.50 -4.34 -11.41
CA ASP A 129 -1.50 -4.34 -11.41
C ASP A 129 -1.04 -5.47 -10.48
C ASP A 129 -1.04 -5.47 -10.48
C ASP A 129 -0.94 -5.45 -10.52
C ASP A 129 -0.94 -5.45 -10.52
N LEU A 130 -1.11 -6.71 -10.97
N LEU A 130 -1.11 -6.71 -10.97
N LEU A 130 -1.14 -6.71 -10.93
N LEU A 130 -1.14 -6.71 -10.93
CA LEU A 130 -0.48 -7.87 -10.31
CA LEU A 130 -0.48 -7.87 -10.31
CA LEU A 130 -0.48 -7.86 -10.32
CA LEU A 130 -0.48 -7.86 -10.32
C LEU A 130 0.73 -8.16 -11.17
C LEU A 130 0.73 -8.16 -11.17
C LEU A 130 0.75 -8.13 -11.18
C LEU A 130 0.75 -8.13 -11.18
N TRP A 131 1.90 -7.80 -10.67
N TRP A 131 1.90 -7.80 -10.67
N TRP A 131 1.92 -7.71 -10.73
N TRP A 131 1.92 -7.71 -10.73
CA TRP A 131 3.13 -7.97 -11.45
CA TRP A 131 3.13 -7.97 -11.45
CA TRP A 131 3.16 -7.93 -11.51
CA TRP A 131 3.16 -7.93 -11.51
C TRP A 131 4.14 -8.72 -10.61
C TRP A 131 4.14 -8.72 -10.61
C TRP A 131 4.17 -8.64 -10.64
C TRP A 131 4.17 -8.64 -10.64
N VAL A 132 5.01 -9.42 -11.30
CA VAL A 132 6.00 -10.28 -10.64
C VAL A 132 7.34 -10.17 -11.29
N PHE A 133 8.38 -10.31 -10.48
N PHE A 133 8.38 -10.31 -10.48
N PHE A 133 8.36 -10.37 -10.48
N PHE A 133 8.36 -10.37 -10.48
CA PHE A 133 9.72 -10.69 -10.98
CA PHE A 133 9.72 -10.69 -10.98
CA PHE A 133 9.69 -10.78 -10.96
CA PHE A 133 9.69 -10.78 -10.96
C PHE A 133 9.54 -12.04 -11.70
C PHE A 133 9.54 -12.04 -11.70
C PHE A 133 9.52 -12.09 -11.71
C PHE A 133 9.52 -12.09 -11.71
N SER A 134 10.26 -12.23 -12.79
CA SER A 134 10.04 -13.37 -13.65
C SER A 134 11.34 -13.83 -14.30
N SER A 135 11.22 -14.93 -15.02
CA SER A 135 12.29 -15.44 -15.91
C SER A 135 12.58 -14.45 -17.02
N GLU A 136 11.76 -13.47 -17.26
CA GLU A 136 11.94 -12.44 -18.31
C GLU A 136 12.62 -11.23 -17.73
N THR A 137 12.76 -11.12 -16.41
CA THR A 137 13.28 -9.86 -15.83
C THR A 137 14.80 -9.76 -16.17
N THR A 138 15.22 -8.62 -16.66
CA THR A 138 16.64 -8.33 -16.93
C THR A 138 17.49 -8.84 -15.79
N ALA A 139 18.47 -9.68 -16.04
CA ALA A 139 19.16 -10.48 -15.01
C ALA A 139 19.82 -9.53 -14.00
N SER A 140 20.43 -8.45 -14.46
CA SER A 140 21.12 -7.51 -13.55
C SER A 140 20.16 -6.78 -12.61
N GLU A 141 18.85 -6.88 -12.85
CA GLU A 141 17.84 -6.21 -12.02
C GLU A 141 17.21 -7.19 -11.04
N VAL A 142 17.65 -8.43 -10.99
CA VAL A 142 17.15 -9.43 -10.02
C VAL A 142 18.27 -9.64 -9.01
N ASP A 143 17.99 -9.53 -7.73
CA ASP A 143 18.95 -9.76 -6.63
C ASP A 143 18.24 -10.40 -5.43
N GLY A 144 17.98 -11.66 -5.52
CA GLY A 144 17.48 -12.45 -4.40
C GLY A 144 15.99 -12.73 -4.46
N GLN A 145 15.23 -12.02 -5.30
N GLN A 145 15.23 -12.02 -5.30
N GLN A 145 15.26 -12.11 -5.38
N GLN A 145 15.26 -12.11 -5.38
CA GLN A 145 13.76 -12.25 -5.40
CA GLN A 145 13.76 -12.25 -5.40
CA GLN A 145 13.80 -12.35 -5.47
CA GLN A 145 13.80 -12.35 -5.47
C GLN A 145 13.48 -13.63 -6.03
C GLN A 145 13.48 -13.63 -6.03
C GLN A 145 13.55 -13.78 -5.95
C GLN A 145 13.55 -13.78 -5.95
N THR A 146 12.38 -14.27 -5.61
CA THR A 146 11.86 -15.46 -6.24
C THR A 146 11.16 -15.04 -7.52
N ILE A 147 11.37 -15.73 -8.61
CA ILE A 147 10.81 -15.39 -9.92
C ILE A 147 9.72 -16.36 -10.32
N TYR A 148 8.78 -15.82 -11.08
CA TYR A 148 7.77 -16.63 -11.79
C TYR A 148 8.35 -17.04 -13.17
N THR A 149 8.26 -18.31 -13.48
CA THR A 149 8.74 -18.83 -14.80
C THR A 149 7.53 -19.39 -15.52
N PRO A 150 6.91 -18.62 -16.43
CA PRO A 150 5.71 -19.10 -17.11
C PRO A 150 5.90 -20.39 -17.91
N SER A 151 7.10 -20.60 -18.42
CA SER A 151 7.34 -21.80 -19.24
C SER A 151 7.27 -23.05 -18.38
N LYS A 152 7.32 -22.96 -17.06
CA LYS A 152 7.21 -24.12 -16.16
C LYS A 152 5.77 -24.30 -15.68
N SER A 153 4.82 -23.47 -16.11
CA SER A 153 3.43 -23.58 -15.67
C SER A 153 2.62 -24.12 -16.82
N THR A 154 1.90 -25.20 -16.57
CA THR A 154 1.09 -25.84 -17.61
C THR A 154 -0.15 -25.03 -17.91
N THR A 155 -0.51 -24.06 -17.06
CA THR A 155 -1.71 -23.25 -17.23
C THR A 155 -1.36 -21.81 -17.68
N ALA A 156 -0.10 -21.49 -17.86
CA ALA A 156 0.26 -20.14 -18.31
C ALA A 156 -0.03 -20.00 -19.81
N LYS A 157 -0.57 -18.86 -20.23
N LYS A 157 -0.46 -18.85 -20.23
N LYS A 157 -0.57 -18.86 -20.23
N LYS A 157 -0.49 -18.85 -20.23
CA LYS A 157 -0.86 -18.50 -21.64
CA LYS A 157 -0.63 -18.55 -21.65
CA LYS A 157 -0.86 -18.50 -21.64
CA LYS A 157 -0.65 -18.55 -21.66
C LYS A 157 -0.37 -17.07 -21.89
C LYS A 157 -0.27 -17.10 -21.86
C LYS A 157 -0.38 -17.07 -21.89
C LYS A 157 -0.27 -17.10 -21.86
N LEU A 158 0.52 -16.83 -22.87
CA LEU A 158 0.86 -15.44 -23.22
C LEU A 158 -0.43 -14.71 -23.55
N LEU A 159 -0.61 -13.52 -23.05
CA LEU A 159 -1.71 -12.64 -23.45
C LEU A 159 -1.11 -11.81 -24.61
N SER A 160 -1.33 -12.31 -25.83
N SER A 160 -1.45 -12.24 -25.82
N SER A 160 -1.32 -12.31 -25.83
N SER A 160 -1.44 -12.24 -25.82
CA SER A 160 -0.53 -11.84 -26.98
CA SER A 160 -0.78 -11.79 -27.06
CA SER A 160 -0.54 -11.84 -26.99
CA SER A 160 -0.78 -11.79 -27.07
C SER A 160 -0.79 -10.36 -27.24
C SER A 160 -0.85 -10.27 -27.19
C SER A 160 -0.79 -10.36 -27.24
C SER A 160 -0.85 -10.27 -27.19
N GLY A 161 0.31 -9.63 -27.35
CA GLY A 161 0.31 -8.20 -27.66
C GLY A 161 0.21 -7.32 -26.48
N ALA A 162 -0.10 -7.86 -25.29
CA ALA A 162 -0.35 -7.02 -24.11
C ALA A 162 0.97 -6.61 -23.46
N THR A 163 1.06 -5.35 -23.10
CA THR A 163 2.20 -4.82 -22.32
C THR A 163 1.67 -4.01 -21.17
N TRP A 164 2.58 -3.72 -20.25
CA TRP A 164 2.22 -2.91 -19.07
C TRP A 164 3.44 -2.08 -18.68
N SER A 165 3.15 -1.00 -18.01
CA SER A 165 4.20 -0.08 -17.54
C SER A 165 3.58 0.77 -16.46
N ILE A 166 4.23 0.80 -15.30
N ILE A 166 4.23 0.80 -15.30
N ILE A 166 4.19 0.80 -15.29
N ILE A 166 4.19 0.80 -15.29
CA ILE A 166 3.68 1.48 -14.10
CA ILE A 166 3.68 1.48 -14.10
CA ILE A 166 3.58 1.54 -14.14
CA ILE A 166 3.58 1.54 -14.14
C ILE A 166 4.77 2.31 -13.43
C ILE A 166 4.77 2.31 -13.43
C ILE A 166 4.64 2.36 -13.44
C ILE A 166 4.64 2.36 -13.44
N SER A 167 4.33 3.38 -12.77
N SER A 167 4.33 3.38 -12.77
N SER A 167 4.28 3.61 -13.18
N SER A 167 4.28 3.61 -13.18
CA SER A 167 5.17 4.26 -11.93
CA SER A 167 5.17 4.26 -11.93
CA SER A 167 5.08 4.57 -12.40
CA SER A 167 5.08 4.57 -12.40
C SER A 167 4.44 4.47 -10.61
C SER A 167 4.44 4.47 -10.61
C SER A 167 4.36 4.88 -11.11
C SER A 167 4.36 4.88 -11.11
N TYR A 168 5.14 4.43 -9.47
N TYR A 168 5.14 4.43 -9.47
N TYR A 168 4.98 4.56 -9.98
N TYR A 168 4.98 4.56 -9.98
CA TYR A 168 4.54 4.60 -8.14
CA TYR A 168 4.54 4.60 -8.14
CA TYR A 168 4.36 4.67 -8.65
CA TYR A 168 4.36 4.67 -8.65
C TYR A 168 4.99 5.93 -7.51
C TYR A 168 4.99 5.93 -7.51
C TYR A 168 4.61 6.06 -8.04
C TYR A 168 4.61 6.06 -8.04
N GLY A 169 4.32 6.28 -6.43
N GLY A 169 4.32 6.28 -6.43
N GLY A 169 3.84 6.43 -7.03
N GLY A 169 3.84 6.43 -7.03
CA GLY A 169 4.45 7.56 -5.70
CA GLY A 169 4.45 7.56 -5.70
CA GLY A 169 3.94 7.75 -6.39
CA GLY A 169 3.94 7.75 -6.39
C GLY A 169 5.86 7.81 -5.21
C GLY A 169 5.86 7.81 -5.21
C GLY A 169 5.31 8.05 -5.82
C GLY A 169 5.31 8.05 -5.82
N ASP A 170 6.65 6.76 -5.02
N ASP A 170 6.65 6.76 -5.02
N ASP A 170 6.10 7.02 -5.48
N ASP A 170 6.10 7.02 -5.48
CA ASP A 170 8.08 6.86 -4.61
CA ASP A 170 8.08 6.86 -4.61
CA ASP A 170 7.41 7.13 -4.80
CA ASP A 170 7.41 7.13 -4.80
C ASP A 170 8.94 7.06 -5.86
C ASP A 170 8.94 7.06 -5.86
C ASP A 170 8.61 7.13 -5.76
C ASP A 170 8.61 7.13 -5.76
N GLY A 171 8.31 7.11 -7.04
N GLY A 171 8.31 7.11 -7.04
N GLY A 171 8.44 7.20 -7.08
N GLY A 171 8.44 7.20 -7.08
CA GLY A 171 9.00 7.24 -8.33
CA GLY A 171 9.00 7.24 -8.33
CA GLY A 171 9.57 7.29 -8.03
CA GLY A 171 9.57 7.29 -8.03
C GLY A 171 9.59 5.93 -8.83
C GLY A 171 9.59 5.93 -8.83
C GLY A 171 9.95 5.94 -8.63
C GLY A 171 9.95 5.94 -8.63
N SER A 172 9.34 4.78 -8.16
N SER A 172 9.34 4.78 -8.16
N SER A 172 9.35 4.87 -8.10
N SER A 172 9.35 4.87 -8.10
CA SER A 172 9.80 3.44 -8.64
CA SER A 172 9.80 3.44 -8.64
CA SER A 172 9.59 3.49 -8.58
CA SER A 172 9.59 3.49 -8.58
C SER A 172 8.97 3.04 -9.85
C SER A 172 8.97 3.04 -9.85
C SER A 172 8.65 3.22 -9.76
C SER A 172 8.65 3.22 -9.76
N SER A 173 9.39 2.00 -10.56
N SER A 173 9.39 2.00 -10.56
N SER A 173 9.09 2.30 -10.59
N SER A 173 9.09 2.30 -10.59
CA SER A 173 8.72 1.59 -11.80
CA SER A 173 8.72 1.59 -11.80
CA SER A 173 8.37 1.93 -11.83
CA SER A 173 8.37 1.93 -11.83
C SER A 173 9.06 0.16 -12.18
C SER A 173 9.06 0.16 -12.18
C SER A 173 8.76 0.51 -12.23
C SER A 173 8.76 0.51 -12.23
N SER A 174 8.21 -0.36 -13.05
N SER A 174 8.21 -0.36 -13.05
N SER A 174 7.97 -0.10 -13.11
N SER A 174 7.97 -0.10 -13.11
CA SER A 174 8.43 -1.67 -13.67
CA SER A 174 8.43 -1.67 -13.67
CA SER A 174 8.22 -1.46 -13.64
CA SER A 174 8.22 -1.46 -13.64
C SER A 174 7.55 -1.72 -14.91
C SER A 174 7.55 -1.72 -14.91
C SER A 174 7.46 -1.63 -14.97
C SER A 174 7.46 -1.63 -14.97
N SER A 175 7.88 -2.61 -15.79
CA SER A 175 7.17 -2.81 -17.05
C SER A 175 7.45 -4.19 -17.59
N GLY A 176 6.60 -4.62 -18.55
CA GLY A 176 6.83 -5.92 -19.16
C GLY A 176 5.69 -6.34 -20.05
N ASP A 177 5.54 -7.66 -20.11
CA ASP A 177 4.48 -8.35 -20.89
C ASP A 177 3.55 -9.12 -19.97
N VAL A 178 2.63 -9.88 -20.51
CA VAL A 178 1.51 -10.37 -19.69
C VAL A 178 1.23 -11.80 -20.02
N TYR A 179 0.99 -12.63 -19.02
CA TYR A 179 0.48 -14.00 -19.13
C TYR A 179 -0.86 -14.06 -18.45
N THR A 180 -1.68 -14.99 -18.78
CA THR A 180 -2.78 -15.37 -17.90
C THR A 180 -2.41 -16.68 -17.24
N ASP A 181 -2.82 -16.83 -15.97
CA ASP A 181 -2.48 -18.08 -15.25
C ASP A 181 -3.44 -18.18 -14.07
N THR A 182 -3.36 -19.33 -13.42
CA THR A 182 -4.14 -19.55 -12.18
C THR A 182 -3.42 -18.92 -11.00
N VAL A 183 -4.11 -18.15 -10.19
CA VAL A 183 -3.53 -17.45 -9.04
C VAL A 183 -4.39 -17.80 -7.85
N SER A 184 -3.73 -18.21 -6.75
CA SER A 184 -4.45 -18.51 -5.50
C SER A 184 -3.87 -17.70 -4.34
N VAL A 185 -4.75 -17.18 -3.52
CA VAL A 185 -4.37 -16.45 -2.30
C VAL A 185 -5.10 -17.06 -1.16
N GLY A 186 -4.38 -17.68 -0.24
CA GLY A 186 -5.05 -18.13 0.98
C GLY A 186 -6.13 -19.15 0.73
N GLY A 187 -6.01 -19.94 -0.31
CA GLY A 187 -7.02 -20.95 -0.64
C GLY A 187 -8.06 -20.47 -1.63
N LEU A 188 -8.11 -19.21 -2.00
CA LEU A 188 -9.06 -18.67 -2.99
C LEU A 188 -8.37 -18.64 -4.35
N THR A 189 -8.95 -19.30 -5.36
CA THR A 189 -8.32 -19.46 -6.67
C THR A 189 -9.06 -18.67 -7.72
N VAL A 190 -8.32 -17.97 -8.53
CA VAL A 190 -8.83 -17.33 -9.77
C VAL A 190 -8.14 -17.97 -10.95
N THR A 191 -8.90 -18.41 -11.93
CA THR A 191 -8.34 -18.82 -13.21
C THR A 191 -8.34 -17.67 -14.19
N GLY A 192 -7.37 -17.67 -15.07
CA GLY A 192 -7.32 -16.64 -16.11
C GLY A 192 -6.89 -15.28 -15.57
N GLN A 193 -6.22 -15.18 -14.44
CA GLN A 193 -5.76 -13.90 -13.91
C GLN A 193 -4.63 -13.38 -14.78
N ALA A 194 -4.63 -12.10 -15.08
CA ALA A 194 -3.48 -11.45 -15.73
C ALA A 194 -2.33 -11.36 -14.73
N VAL A 195 -1.24 -11.97 -15.06
CA VAL A 195 0.02 -11.98 -14.30
C VAL A 195 1.00 -11.20 -15.16
N GLU A 196 1.34 -10.01 -14.72
CA GLU A 196 2.18 -9.08 -15.49
C GLU A 196 3.63 -9.44 -15.18
N SER A 197 4.36 -9.93 -16.15
CA SER A 197 5.75 -10.40 -16.01
C SER A 197 6.69 -9.26 -16.24
N ALA A 198 7.51 -8.89 -15.27
CA ALA A 198 8.44 -7.76 -15.43
C ALA A 198 9.60 -8.13 -16.36
N LYS A 199 9.80 -7.26 -17.34
CA LYS A 199 11.06 -7.26 -18.11
C LYS A 199 12.03 -6.30 -17.44
N LYS A 200 11.58 -5.21 -16.87
CA LYS A 200 12.42 -4.19 -16.26
C LYS A 200 11.79 -3.78 -14.96
N VAL A 201 12.64 -3.67 -13.95
N VAL A 201 12.64 -3.67 -13.95
N VAL A 201 12.61 -3.45 -13.95
N VAL A 201 12.61 -3.45 -13.95
CA VAL A 201 12.22 -3.08 -12.65
CA VAL A 201 12.22 -3.08 -12.65
CA VAL A 201 12.14 -2.86 -12.67
CA VAL A 201 12.14 -2.86 -12.67
C VAL A 201 13.26 -2.04 -12.30
C VAL A 201 13.26 -2.04 -12.30
C VAL A 201 13.08 -1.70 -12.25
C VAL A 201 13.08 -1.70 -12.25
N SER A 202 12.84 -1.04 -11.55
N SER A 202 12.84 -1.04 -11.55
N SER A 202 12.58 -0.71 -11.53
N SER A 202 12.58 -0.71 -11.53
CA SER A 202 13.78 0.03 -11.11
CA SER A 202 13.78 0.03 -11.11
CA SER A 202 13.42 0.41 -11.01
CA SER A 202 13.42 0.41 -11.01
C SER A 202 14.56 -0.45 -9.90
C SER A 202 14.56 -0.45 -9.90
C SER A 202 14.26 -0.08 -9.81
C SER A 202 14.26 -0.08 -9.81
N SER A 203 15.59 0.32 -9.59
N SER A 203 15.59 0.32 -9.59
N SER A 203 15.27 0.72 -9.47
N SER A 203 15.27 0.72 -9.47
CA SER A 203 16.51 -0.02 -8.49
CA SER A 203 16.51 -0.03 -8.49
CA SER A 203 16.40 0.31 -8.59
CA SER A 203 16.40 0.31 -8.59
C SER A 203 15.79 -0.19 -7.12
C SER A 203 15.79 -0.20 -7.13
C SER A 203 15.88 -0.29 -7.27
C SER A 203 15.88 -0.29 -7.27
N SER A 204 14.74 0.55 -6.79
N SER A 204 14.74 0.55 -6.79
N SER A 204 14.87 0.37 -6.73
N SER A 204 14.87 0.37 -6.73
CA SER A 204 14.12 0.31 -5.45
CA SER A 204 14.12 0.31 -5.45
CA SER A 204 14.33 0.10 -5.38
CA SER A 204 14.33 0.10 -5.38
C SER A 204 13.62 -1.14 -5.39
C SER A 204 13.62 -1.15 -5.39
C SER A 204 13.64 -1.25 -5.33
C SER A 204 13.64 -1.25 -5.33
N PHE A 205 12.96 -1.59 -6.45
N PHE A 205 12.96 -1.59 -6.45
N PHE A 205 13.31 -1.88 -6.47
N PHE A 205 13.31 -1.88 -6.47
CA PHE A 205 12.50 -3.00 -6.49
CA PHE A 205 12.50 -3.00 -6.49
CA PHE A 205 12.74 -3.24 -6.45
CA PHE A 205 12.74 -3.24 -6.45
C PHE A 205 13.70 -3.93 -6.42
C PHE A 205 13.70 -3.93 -6.42
C PHE A 205 13.89 -4.25 -6.42
C PHE A 205 13.89 -4.25 -6.42
N THR A 206 14.73 -3.72 -7.25
N THR A 206 14.73 -3.72 -7.25
N THR A 206 14.90 -4.07 -7.26
N THR A 206 14.90 -4.07 -7.26
CA THR A 206 15.88 -4.66 -7.28
CA THR A 206 15.88 -4.66 -7.28
CA THR A 206 16.09 -4.93 -7.25
CA THR A 206 16.09 -4.93 -7.25
C THR A 206 16.52 -4.81 -5.90
C THR A 206 16.52 -4.81 -5.90
C THR A 206 16.65 -4.95 -5.82
C THR A 206 16.65 -4.95 -5.82
N GLU A 207 16.64 -3.71 -5.20
N GLU A 207 16.64 -3.71 -5.20
N GLU A 207 16.70 -3.78 -5.21
N GLU A 207 16.70 -3.78 -5.21
CA GLU A 207 17.40 -3.65 -3.93
CA GLU A 207 17.40 -3.65 -3.93
CA GLU A 207 17.35 -3.52 -3.90
CA GLU A 207 17.35 -3.52 -3.90
C GLU A 207 16.62 -4.35 -2.82
C GLU A 207 16.62 -4.35 -2.82
C GLU A 207 16.53 -4.07 -2.74
C GLU A 207 16.53 -4.07 -2.74
N ASP A 208 15.31 -4.56 -2.99
N ASP A 208 15.31 -4.56 -2.99
N ASP A 208 15.30 -4.52 -2.99
N ASP A 208 15.30 -4.52 -2.99
CA ASP A 208 14.44 -5.17 -1.95
CA ASP A 208 14.45 -5.16 -1.95
CA ASP A 208 14.49 -5.19 -1.95
CA ASP A 208 14.49 -5.19 -1.95
C ASP A 208 14.22 -6.66 -2.24
C ASP A 208 14.22 -6.66 -2.24
C ASP A 208 14.29 -6.65 -2.33
C ASP A 208 14.29 -6.65 -2.33
N SER A 209 15.09 -7.52 -1.74
CA SER A 209 15.04 -8.96 -2.05
C SER A 209 13.81 -9.63 -1.49
N THR A 210 13.09 -9.00 -0.58
CA THR A 210 11.95 -9.62 0.12
C THR A 210 10.66 -9.51 -0.64
N ILE A 211 10.58 -8.65 -1.64
N ILE A 211 10.58 -8.65 -1.64
N ILE A 211 10.58 -8.65 -1.64
N ILE A 211 10.58 -8.65 -1.64
CA ILE A 211 9.31 -8.41 -2.38
CA ILE A 211 9.31 -8.41 -2.38
CA ILE A 211 9.31 -8.41 -2.38
CA ILE A 211 9.31 -8.41 -2.38
C ILE A 211 9.45 -8.96 -3.80
C ILE A 211 9.45 -8.96 -3.80
C ILE A 211 9.45 -8.96 -3.79
C ILE A 211 9.45 -8.96 -3.79
N ASP A 212 8.65 -9.97 -4.13
CA ASP A 212 8.71 -10.63 -5.43
C ASP A 212 7.78 -10.03 -6.46
N GLY A 213 7.00 -9.03 -6.09
N GLY A 213 7.00 -9.03 -6.09
N GLY A 213 7.07 -8.97 -6.07
N GLY A 213 7.07 -8.97 -6.07
CA GLY A 213 5.99 -8.43 -6.95
CA GLY A 213 5.99 -8.43 -6.95
CA GLY A 213 6.19 -8.19 -6.94
CA GLY A 213 6.19 -8.19 -6.94
C GLY A 213 4.94 -7.76 -6.12
C GLY A 213 4.94 -7.76 -6.12
C GLY A 213 5.01 -7.70 -6.14
C GLY A 213 5.01 -7.70 -6.14
N LEU A 214 4.03 -7.05 -6.80
N LEU A 214 4.03 -7.05 -6.80
N LEU A 214 3.99 -7.27 -6.88
N LEU A 214 3.99 -7.27 -6.88
CA LEU A 214 2.85 -6.40 -6.17
CA LEU A 214 2.85 -6.40 -6.17
CA LEU A 214 2.87 -6.50 -6.31
CA LEU A 214 2.87 -6.50 -6.31
C LEU A 214 1.57 -7.06 -6.65
C LEU A 214 1.57 -7.06 -6.65
C LEU A 214 1.56 -7.21 -6.66
C LEU A 214 1.56 -7.21 -6.66
N LEU A 215 0.58 -7.09 -5.77
N LEU A 215 0.58 -7.09 -5.77
N LEU A 215 0.59 -7.10 -5.77
N LEU A 215 0.59 -7.10 -5.77
CA LEU A 215 -0.78 -7.51 -6.14
CA LEU A 215 -0.78 -7.51 -6.14
CA LEU A 215 -0.78 -7.52 -6.07
CA LEU A 215 -0.78 -7.52 -6.07
C LEU A 215 -1.72 -6.35 -5.83
C LEU A 215 -1.72 -6.35 -5.83
C LEU A 215 -1.67 -6.32 -5.83
C LEU A 215 -1.67 -6.32 -5.83
N GLY A 216 -2.12 -5.66 -6.90
N GLY A 216 -2.12 -5.66 -6.90
N GLY A 216 -2.17 -5.71 -6.90
N GLY A 216 -2.17 -5.71 -6.90
CA GLY A 216 -2.96 -4.46 -6.77
CA GLY A 216 -2.96 -4.46 -6.77
CA GLY A 216 -2.96 -4.49 -6.79
CA GLY A 216 -2.96 -4.49 -6.79
C GLY A 216 -4.39 -4.77 -6.40
C GLY A 216 -4.39 -4.77 -6.40
C GLY A 216 -4.40 -4.78 -6.41
C GLY A 216 -4.40 -4.78 -6.41
N LEU A 217 -4.92 -3.95 -5.50
CA LEU A 217 -6.28 -4.11 -4.96
C LEU A 217 -7.07 -2.81 -5.04
N ALA A 218 -6.61 -1.83 -5.79
CA ALA A 218 -7.42 -0.64 -6.12
C ALA A 218 -8.35 -1.03 -7.26
N PHE A 219 -9.07 -0.07 -7.81
CA PHE A 219 -10.10 -0.39 -8.82
C PHE A 219 -9.42 -0.68 -10.16
N SER A 220 -10.07 -1.56 -10.94
CA SER A 220 -9.43 -2.07 -12.19
C SER A 220 -9.28 -0.98 -13.25
N THR A 221 -9.96 0.14 -13.12
CA THR A 221 -9.79 1.34 -13.98
C THR A 221 -8.38 1.84 -13.95
N LEU A 222 -7.58 1.55 -12.90
CA LEU A 222 -6.16 1.98 -12.89
C LEU A 222 -5.20 0.97 -13.48
N ASN A 223 -5.65 -0.21 -13.91
CA ASN A 223 -4.74 -1.23 -14.40
C ASN A 223 -4.02 -0.74 -15.65
N THR A 224 -2.75 -0.97 -15.79
CA THR A 224 -1.97 -0.35 -16.87
C THR A 224 -1.87 -1.26 -18.10
N VAL A 225 -2.42 -2.43 -18.13
CA VAL A 225 -2.24 -3.27 -19.33
C VAL A 225 -2.87 -2.63 -20.56
N SER A 226 -2.11 -2.65 -21.63
CA SER A 226 -2.50 -2.12 -22.95
C SER A 226 -2.28 -3.21 -23.98
N PRO A 227 -3.15 -3.31 -25.02
CA PRO A 227 -4.27 -2.42 -25.31
C PRO A 227 -5.58 -2.79 -24.64
N THR A 228 -5.59 -3.91 -23.90
CA THR A 228 -6.79 -4.45 -23.26
C THR A 228 -6.56 -4.38 -21.76
N GLN A 229 -7.21 -3.46 -21.08
CA GLN A 229 -7.02 -3.31 -19.62
C GLN A 229 -7.50 -4.61 -18.97
N GLN A 230 -6.81 -5.00 -17.88
CA GLN A 230 -7.10 -6.24 -17.14
C GLN A 230 -7.69 -5.94 -15.76
N LYS A 231 -8.36 -6.97 -15.25
CA LYS A 231 -8.96 -6.91 -13.91
C LYS A 231 -8.01 -7.33 -12.80
N THR A 232 -8.21 -6.72 -11.63
CA THR A 232 -7.49 -7.15 -10.43
C THR A 232 -7.92 -8.55 -9.99
N PHE A 233 -7.11 -9.15 -9.15
CA PHE A 233 -7.43 -10.44 -8.51
C PHE A 233 -8.78 -10.33 -7.81
N PHE A 234 -9.00 -9.24 -7.06
CA PHE A 234 -10.27 -9.08 -6.33
C PHE A 234 -11.44 -8.98 -7.29
N ASP A 235 -11.29 -8.19 -8.32
N ASP A 235 -11.32 -8.20 -8.34
CA ASP A 235 -12.36 -7.99 -9.32
CA ASP A 235 -12.46 -8.10 -9.27
C ASP A 235 -12.68 -9.33 -9.99
C ASP A 235 -12.71 -9.44 -9.94
N ASN A 236 -11.68 -10.17 -10.31
CA ASN A 236 -11.94 -11.49 -10.89
C ASN A 236 -12.52 -12.45 -9.87
N ALA A 237 -12.17 -12.38 -8.60
CA ALA A 237 -12.71 -13.28 -7.58
C ALA A 237 -14.12 -12.93 -7.14
N LYS A 238 -14.50 -11.68 -7.25
N LYS A 238 -14.55 -11.72 -7.40
CA LYS A 238 -15.63 -11.09 -6.47
CA LYS A 238 -15.83 -11.26 -6.86
C LYS A 238 -16.93 -11.86 -6.69
C LYS A 238 -16.94 -12.28 -7.08
N ALA A 239 -17.31 -12.24 -7.92
N ALA A 239 -16.99 -12.88 -8.30
CA ALA A 239 -18.61 -12.91 -8.17
CA ALA A 239 -18.10 -13.76 -8.79
C ALA A 239 -18.65 -14.23 -7.41
C ALA A 239 -18.24 -14.99 -7.88
N SER A 240 -17.52 -14.82 -7.16
N SER A 240 -17.12 -15.43 -7.30
CA SER A 240 -17.43 -16.16 -6.56
CA SER A 240 -17.06 -16.63 -6.42
C SER A 240 -17.43 -16.10 -5.04
C SER A 240 -17.12 -16.27 -4.94
N LEU A 241 -17.01 -14.97 -4.48
CA LEU A 241 -16.88 -14.79 -3.02
C LEU A 241 -18.20 -14.89 -2.28
N ASP A 242 -18.18 -15.30 -1.07
CA ASP A 242 -19.41 -15.34 -0.26
C ASP A 242 -19.97 -13.96 -0.06
N SER A 243 -19.12 -12.93 0.09
N SER A 243 -19.08 -12.98 0.07
N SER A 243 -19.12 -12.93 0.09
N SER A 243 -19.08 -12.97 0.08
CA SER A 243 -19.48 -11.50 0.25
CA SER A 243 -19.43 -11.55 0.04
CA SER A 243 -19.48 -11.50 0.24
CA SER A 243 -19.43 -11.55 0.06
C SER A 243 -18.42 -10.73 -0.53
C SER A 243 -18.38 -10.79 -0.76
C SER A 243 -18.42 -10.73 -0.54
C SER A 243 -18.38 -10.79 -0.75
N PRO A 244 -18.77 -9.66 -1.32
CA PRO A 244 -17.82 -9.00 -2.20
C PRO A 244 -16.92 -8.02 -1.45
N VAL A 245 -16.06 -8.58 -0.62
CA VAL A 245 -15.27 -7.79 0.32
C VAL A 245 -13.88 -8.39 0.43
N PHE A 246 -12.92 -7.57 0.87
CA PHE A 246 -11.70 -8.12 1.45
C PHE A 246 -11.38 -7.26 2.66
N THR A 247 -10.57 -7.78 3.56
CA THR A 247 -10.23 -7.05 4.77
C THR A 247 -8.73 -7.06 4.93
N ALA A 248 -8.22 -5.97 5.48
CA ALA A 248 -6.81 -5.79 5.83
C ALA A 248 -6.68 -5.67 7.30
N ASP A 249 -5.88 -6.52 7.93
CA ASP A 249 -5.63 -6.53 9.35
C ASP A 249 -4.14 -6.57 9.54
N LEU A 250 -3.50 -5.42 9.39
CA LEU A 250 -2.03 -5.37 9.40
C LEU A 250 -1.55 -5.30 10.83
N GLY A 251 -0.45 -5.99 11.12
CA GLY A 251 0.14 -5.99 12.45
C GLY A 251 1.13 -4.89 12.67
N TYR A 252 1.32 -4.49 13.90
CA TYR A 252 2.40 -3.61 14.36
C TYR A 252 3.54 -4.51 14.79
N HIS A 253 4.61 -4.51 14.02
CA HIS A 253 5.79 -5.32 14.32
C HIS A 253 5.36 -6.76 14.52
N ALA A 254 4.43 -7.26 13.67
CA ALA A 254 3.88 -8.61 13.82
C ALA A 254 3.14 -8.94 12.54
N PRO A 255 2.92 -10.22 12.29
CA PRO A 255 2.09 -10.63 11.15
C PRO A 255 0.63 -10.23 11.37
N GLY A 256 -0.08 -10.17 10.25
CA GLY A 256 -1.51 -9.89 10.20
C GLY A 256 -2.14 -10.72 9.14
N THR A 257 -3.31 -10.30 8.65
CA THR A 257 -4.12 -11.13 7.80
C THR A 257 -4.80 -10.33 6.73
N TYR A 258 -4.87 -10.86 5.52
CA TYR A 258 -5.79 -10.44 4.44
C TYR A 258 -6.81 -11.53 4.26
N ASN A 259 -8.07 -11.18 4.41
CA ASN A 259 -9.18 -12.12 4.15
C ASN A 259 -9.97 -11.66 2.94
N PHE A 260 -10.45 -12.61 2.17
CA PHE A 260 -11.29 -12.35 1.00
C PHE A 260 -12.61 -13.06 1.16
N GLY A 261 -13.70 -12.34 1.03
CA GLY A 261 -15.04 -12.94 0.97
C GLY A 261 -15.73 -13.04 2.26
N PHE A 262 -15.19 -12.61 3.39
CA PHE A 262 -15.86 -12.69 4.68
C PHE A 262 -15.24 -11.69 5.62
N ILE A 263 -15.98 -11.34 6.64
N ILE A 263 -16.04 -11.28 6.59
N ILE A 263 -15.98 -11.36 6.66
N ILE A 263 -16.04 -11.28 6.59
CA ILE A 263 -15.52 -10.40 7.68
CA ILE A 263 -15.61 -10.53 7.81
CA ILE A 263 -15.53 -10.41 7.70
CA ILE A 263 -15.61 -10.53 7.81
C ILE A 263 -15.40 -11.22 8.97
C ILE A 263 -15.35 -11.48 8.97
C ILE A 263 -15.41 -11.21 8.99
C ILE A 263 -15.35 -11.48 8.96
N ASP A 264 -14.17 -11.42 9.50
CA ASP A 264 -13.87 -12.21 10.72
C ASP A 264 -14.27 -11.37 11.92
N THR A 265 -15.46 -11.67 12.51
CA THR A 265 -15.99 -10.87 13.62
C THR A 265 -15.17 -11.09 14.86
N THR A 266 -14.21 -11.98 14.93
CA THR A 266 -13.30 -12.17 16.06
C THR A 266 -12.06 -11.28 15.97
N ALA A 267 -11.85 -10.61 14.84
CA ALA A 267 -10.60 -9.91 14.57
C ALA A 267 -10.64 -8.45 14.98
N TYR A 268 -11.75 -7.95 15.50
CA TYR A 268 -11.84 -6.53 15.87
C TYR A 268 -12.69 -6.39 17.12
N THR A 269 -12.62 -5.25 17.73
CA THR A 269 -13.39 -4.93 18.94
C THR A 269 -14.45 -3.92 18.58
N GLY A 270 -15.55 -3.86 19.32
CA GLY A 270 -16.61 -2.90 19.03
C GLY A 270 -17.27 -3.16 17.70
N SER A 271 -17.70 -2.10 17.04
N SER A 271 -17.72 -2.08 17.07
N SER A 271 -17.69 -2.10 17.04
N SER A 271 -17.72 -2.08 17.07
CA SER A 271 -18.41 -2.20 15.76
CA SER A 271 -18.44 -2.08 15.78
CA SER A 271 -18.41 -2.20 15.77
CA SER A 271 -18.44 -2.08 15.78
C SER A 271 -17.54 -1.62 14.63
C SER A 271 -17.52 -1.65 14.65
C SER A 271 -17.54 -1.62 14.63
C SER A 271 -17.52 -1.65 14.65
N ILE A 272 -17.93 -1.95 13.41
CA ILE A 272 -17.26 -1.43 12.21
C ILE A 272 -18.04 -0.21 11.78
N THR A 273 -17.37 0.91 11.56
CA THR A 273 -17.98 2.12 11.02
C THR A 273 -17.69 2.22 9.55
N TYR A 274 -18.69 2.24 8.72
CA TYR A 274 -18.55 2.35 7.29
C TYR A 274 -18.64 3.76 6.81
N THR A 275 -17.95 4.09 5.77
CA THR A 275 -17.85 5.46 5.22
C THR A 275 -17.84 5.36 3.72
N ALA A 276 -18.31 6.42 3.06
CA ALA A 276 -18.45 6.43 1.60
C ALA A 276 -17.11 6.45 0.90
N VAL A 277 -17.11 5.88 -0.28
CA VAL A 277 -15.92 5.82 -1.15
C VAL A 277 -16.24 6.50 -2.47
N SER A 278 -15.32 7.29 -2.95
CA SER A 278 -15.33 7.76 -4.35
C SER A 278 -14.37 6.90 -5.14
N THR A 279 -14.82 6.38 -6.27
CA THR A 279 -13.95 5.63 -7.18
C THR A 279 -13.47 6.49 -8.36
N LYS A 280 -13.73 7.78 -8.30
CA LYS A 280 -13.47 8.68 -9.46
C LYS A 280 -12.01 8.67 -9.87
N GLN A 281 -11.06 8.49 -8.94
CA GLN A 281 -9.64 8.46 -9.27
C GLN A 281 -9.11 7.04 -9.26
N GLY A 282 -9.97 6.05 -9.12
CA GLY A 282 -9.58 4.62 -9.11
C GLY A 282 -9.07 4.11 -7.78
N PHE A 283 -9.13 4.91 -6.75
CA PHE A 283 -8.62 4.54 -5.41
C PHE A 283 -9.76 4.28 -4.47
N TRP A 284 -9.44 3.70 -3.31
CA TRP A 284 -10.34 3.61 -2.16
C TRP A 284 -10.26 4.96 -1.45
N GLU A 285 -10.94 5.98 -2.02
CA GLU A 285 -10.86 7.37 -1.58
C GLU A 285 -12.05 7.65 -0.69
N TRP A 286 -11.80 8.24 0.45
CA TRP A 286 -12.80 8.49 1.47
C TRP A 286 -12.50 9.79 2.18
N THR A 287 -13.36 10.20 3.09
CA THR A 287 -13.18 11.48 3.80
C THR A 287 -13.21 11.25 5.29
N SER A 288 -12.06 11.42 5.94
CA SER A 288 -12.00 11.40 7.40
C SER A 288 -12.69 12.63 7.96
N THR A 289 -13.24 12.50 9.14
CA THR A 289 -14.00 13.57 9.82
C THR A 289 -13.15 14.40 10.73
N GLY A 290 -11.85 14.12 10.92
CA GLY A 290 -11.00 15.03 11.68
C GLY A 290 -9.91 14.31 12.38
N TYR A 291 -9.30 14.97 13.35
N TYR A 291 -9.30 14.97 13.35
N TYR A 291 -9.25 14.98 13.31
N TYR A 291 -9.25 14.98 13.31
CA TYR A 291 -8.15 14.38 14.01
CA TYR A 291 -8.15 14.38 14.01
CA TYR A 291 -8.10 14.38 14.01
CA TYR A 291 -8.11 14.38 14.02
C TYR A 291 -7.96 14.96 15.40
C TYR A 291 -7.96 14.96 15.40
C TYR A 291 -7.95 14.97 15.39
C TYR A 291 -7.95 14.97 15.40
N ALA A 292 -7.17 14.26 16.19
CA ALA A 292 -6.70 14.79 17.47
C ALA A 292 -5.23 14.39 17.63
N VAL A 293 -4.49 15.18 18.36
CA VAL A 293 -3.08 14.91 18.68
C VAL A 293 -2.99 14.53 20.14
N GLY A 294 -2.49 13.38 20.48
CA GLY A 294 -2.39 12.94 21.86
C GLY A 294 -3.72 13.02 22.55
N SER A 295 -3.70 13.59 23.75
N SER A 295 -3.72 13.65 23.74
N SER A 295 -3.71 13.60 23.75
N SER A 295 -3.72 13.65 23.74
CA SER A 295 -4.92 13.77 24.60
CA SER A 295 -4.90 13.81 24.62
CA SER A 295 -4.92 13.77 24.60
CA SER A 295 -4.90 13.81 24.61
C SER A 295 -5.61 15.09 24.27
C SER A 295 -5.74 15.01 24.18
C SER A 295 -5.62 15.09 24.27
C SER A 295 -5.74 15.01 24.18
N GLY A 296 -5.29 15.76 23.16
CA GLY A 296 -5.93 16.99 22.75
C GLY A 296 -7.35 16.83 22.27
N THR A 297 -7.99 17.97 22.12
CA THR A 297 -9.37 18.02 21.63
C THR A 297 -9.42 17.58 20.16
N PHE A 298 -10.47 16.94 19.81
CA PHE A 298 -10.68 16.52 18.42
C PHE A 298 -11.09 17.70 17.59
N LYS A 299 -10.44 17.87 16.44
N LYS A 299 -10.44 17.87 16.44
N LYS A 299 -10.36 17.93 16.50
N LYS A 299 -10.36 17.93 16.50
CA LYS A 299 -10.69 18.92 15.45
CA LYS A 299 -10.69 18.92 15.45
CA LYS A 299 -10.74 18.94 15.50
CA LYS A 299 -10.74 18.94 15.50
C LYS A 299 -11.56 18.34 14.35
C LYS A 299 -11.56 18.34 14.35
C LYS A 299 -11.58 18.30 14.42
C LYS A 299 -11.59 18.30 14.42
N SER A 300 -12.80 18.80 14.23
CA SER A 300 -13.70 18.33 13.18
C SER A 300 -13.33 19.04 11.90
N THR A 301 -12.84 18.31 10.90
N THR A 301 -12.84 18.31 10.90
N THR A 301 -12.99 18.26 10.88
N THR A 301 -13.00 18.26 10.88
CA THR A 301 -12.38 18.87 9.61
CA THR A 301 -12.38 18.87 9.61
CA THR A 301 -12.64 18.81 9.56
CA THR A 301 -12.64 18.81 9.56
C THR A 301 -12.38 17.72 8.60
C THR A 301 -12.38 17.72 8.61
C THR A 301 -12.61 17.64 8.58
C THR A 301 -12.59 17.65 8.57
N SER A 302 -12.93 17.93 7.44
N SER A 302 -12.93 17.93 7.44
N SER A 302 -12.85 17.94 7.32
N SER A 302 -12.73 17.97 7.29
CA SER A 302 -12.97 16.91 6.38
CA SER A 302 -12.97 16.91 6.37
CA SER A 302 -12.80 16.96 6.21
CA SER A 302 -12.74 16.98 6.19
C SER A 302 -11.61 16.74 5.71
C SER A 302 -11.61 16.74 5.70
C SER A 302 -11.34 16.75 5.87
C SER A 302 -11.30 16.74 5.79
N ILE A 303 -11.09 15.51 5.72
N ILE A 303 -11.09 15.51 5.70
N ILE A 303 -10.90 15.49 5.87
N ILE A 303 -10.87 15.48 5.79
CA ILE A 303 -9.77 15.22 5.09
CA ILE A 303 -9.77 15.22 5.08
CA ILE A 303 -9.59 15.11 5.30
CA ILE A 303 -9.55 15.10 5.24
C ILE A 303 -10.01 14.11 4.08
C ILE A 303 -9.98 14.11 4.06
C ILE A 303 -9.85 14.01 4.28
C ILE A 303 -9.80 14.01 4.21
N ASP A 304 -10.01 14.45 2.82
N ASP A 304 -9.86 14.42 2.80
N ASP A 304 -10.04 14.39 3.02
N ASP A 304 -9.88 14.38 2.93
CA ASP A 304 -10.10 13.45 1.74
CA ASP A 304 -10.07 13.45 1.72
CA ASP A 304 -10.11 13.46 1.87
CA ASP A 304 -10.10 13.45 1.81
C ASP A 304 -8.78 12.71 1.75
C ASP A 304 -8.77 12.72 1.41
C ASP A 304 -8.77 12.71 1.80
C ASP A 304 -8.79 12.74 1.49
N GLY A 305 -8.79 11.40 1.48
CA GLY A 305 -7.55 10.67 1.23
C GLY A 305 -7.84 9.25 0.78
N ILE A 306 -6.79 8.50 0.59
CA ILE A 306 -6.94 7.13 0.10
C ILE A 306 -6.47 6.13 1.13
N ALA A 307 -7.11 4.98 1.20
CA ALA A 307 -6.65 3.85 2.03
C ALA A 307 -5.68 3.05 1.22
N ASP A 308 -4.37 3.09 1.54
CA ASP A 308 -3.30 2.56 0.69
C ASP A 308 -2.34 1.63 1.44
N THR A 309 -2.59 0.32 1.36
CA THR A 309 -1.74 -0.63 2.06
C THR A 309 -0.33 -0.66 1.54
N GLY A 310 -0.12 -0.17 0.32
N GLY A 310 -0.12 -0.17 0.32
N GLY A 310 -0.12 -0.17 0.32
N GLY A 310 -0.12 -0.17 0.32
CA GLY A 310 1.20 -0.16 -0.30
CA GLY A 310 1.20 -0.16 -0.30
CA GLY A 310 1.20 -0.15 -0.31
CA GLY A 310 1.20 -0.15 -0.31
C GLY A 310 2.03 1.07 0.02
C GLY A 310 2.03 1.07 0.02
C GLY A 310 2.02 1.08 0.01
C GLY A 310 2.02 1.08 0.01
N THR A 311 1.54 1.97 0.86
CA THR A 311 2.31 3.15 1.32
C THR A 311 2.61 2.94 2.79
N THR A 312 3.87 3.16 3.18
CA THR A 312 4.25 2.89 4.58
C THR A 312 3.64 3.88 5.57
N LEU A 313 3.72 5.14 5.25
CA LEU A 313 3.45 6.24 6.22
C LEU A 313 2.07 6.85 6.05
N LEU A 314 1.77 7.77 6.96
CA LEU A 314 0.51 8.55 6.93
C LEU A 314 0.85 9.94 6.41
N TYR A 315 0.29 10.32 5.26
CA TYR A 315 0.56 11.62 4.62
C TYR A 315 -0.71 12.46 4.71
N LEU A 316 -0.60 13.59 5.40
CA LEU A 316 -1.78 14.45 5.68
C LEU A 316 -1.44 15.89 5.39
N PRO A 317 -2.42 16.80 5.36
N PRO A 317 -2.42 16.80 5.36
N PRO A 317 -2.46 16.79 5.46
N PRO A 317 -2.46 16.79 5.47
CA PRO A 317 -2.11 18.17 5.02
CA PRO A 317 -2.11 18.17 5.02
CA PRO A 317 -2.26 18.21 5.15
CA PRO A 317 -2.27 18.21 5.15
C PRO A 317 -1.10 18.76 6.00
C PRO A 317 -1.10 18.76 6.00
C PRO A 317 -1.21 18.84 6.06
C PRO A 317 -1.21 18.84 6.06
N ALA A 318 -0.40 19.78 5.53
CA ALA A 318 0.68 20.39 6.28
C ALA A 318 0.22 20.98 7.59
N THR A 319 -0.98 21.52 7.63
N THR A 319 -0.98 21.52 7.63
N THR A 319 -0.98 21.54 7.67
N THR A 319 -0.98 21.54 7.67
CA THR A 319 -1.57 22.09 8.86
CA THR A 319 -1.57 22.09 8.86
CA THR A 319 -1.41 22.13 8.96
CA THR A 319 -1.41 22.13 8.96
C THR A 319 -1.66 21.00 9.94
C THR A 319 -1.66 21.00 9.94
C THR A 319 -1.49 21.02 10.01
C THR A 319 -1.49 21.02 10.01
N VAL A 320 -2.13 19.83 9.53
N VAL A 320 -2.13 19.83 9.53
N VAL A 320 -2.19 19.93 9.68
N VAL A 320 -2.18 19.93 9.67
CA VAL A 320 -2.39 18.72 10.49
CA VAL A 320 -2.39 18.72 10.49
CA VAL A 320 -2.39 18.78 10.61
CA VAL A 320 -2.39 18.78 10.61
C VAL A 320 -1.05 18.20 10.99
C VAL A 320 -1.05 18.20 10.99
C VAL A 320 -1.04 18.21 11.03
C VAL A 320 -1.04 18.22 11.02
N VAL A 321 -0.12 18.02 10.07
CA VAL A 321 1.19 17.45 10.39
C VAL A 321 1.98 18.39 11.30
N SER A 322 1.93 19.70 11.00
CA SER A 322 2.59 20.69 11.86
C SER A 322 2.02 20.63 13.27
N ALA A 323 0.71 20.53 13.41
CA ALA A 323 0.08 20.46 14.72
C ALA A 323 0.53 19.23 15.48
N TYR A 324 0.73 18.10 14.82
CA TYR A 324 1.21 16.88 15.47
C TYR A 324 2.64 17.08 15.96
N TRP A 325 3.56 17.49 15.09
CA TRP A 325 4.98 17.51 15.44
C TRP A 325 5.29 18.67 16.40
N ALA A 326 4.44 19.68 16.45
CA ALA A 326 4.62 20.75 17.46
C ALA A 326 4.54 20.20 18.86
N GLN A 327 3.94 19.04 19.05
CA GLN A 327 3.83 18.44 20.41
C GLN A 327 5.02 17.57 20.69
N VAL A 328 6.07 17.53 19.93
CA VAL A 328 7.26 16.70 20.17
C VAL A 328 8.45 17.65 20.24
N SER A 329 9.08 17.68 21.43
N SER A 329 9.05 17.78 21.43
N SER A 329 9.08 17.69 21.42
N SER A 329 9.05 17.78 21.43
CA SER A 329 10.27 18.52 21.70
CA SER A 329 10.17 18.73 21.63
CA SER A 329 10.26 18.54 21.70
CA SER A 329 10.17 18.73 21.63
C SER A 329 11.38 18.23 20.70
C SER A 329 11.33 18.29 20.73
C SER A 329 11.38 18.24 20.70
C SER A 329 11.32 18.29 20.74
N GLY A 330 11.82 19.25 19.97
CA GLY A 330 12.93 19.08 19.07
C GLY A 330 12.56 18.51 17.72
N ALA A 331 11.29 18.26 17.42
CA ALA A 331 10.90 17.79 16.08
C ALA A 331 10.99 18.95 15.10
N LYS A 332 11.32 18.65 13.86
CA LYS A 332 11.46 19.67 12.83
C LYS A 332 11.34 18.99 11.49
N SER A 333 10.96 19.78 10.50
CA SER A 333 10.98 19.34 9.12
C SER A 333 12.36 19.59 8.54
N SER A 334 13.00 18.58 8.06
CA SER A 334 14.33 18.58 7.46
C SER A 334 14.21 18.40 5.94
N SER A 335 14.55 19.45 5.18
N SER A 335 14.54 19.47 5.21
N SER A 335 14.55 19.45 5.18
N SER A 335 14.54 19.46 5.20
CA SER A 335 14.64 19.39 3.70
CA SER A 335 14.66 19.44 3.73
CA SER A 335 14.64 19.40 3.70
CA SER A 335 14.66 19.44 3.73
C SER A 335 15.74 18.40 3.30
C SER A 335 15.73 18.42 3.31
C SER A 335 15.74 18.40 3.30
C SER A 335 15.73 18.42 3.31
N SER A 336 16.83 18.33 4.05
CA SER A 336 17.96 17.39 3.73
C SER A 336 17.52 15.93 3.88
N VAL A 337 16.73 15.61 4.92
CA VAL A 337 16.32 14.21 5.17
C VAL A 337 15.08 13.89 4.33
N GLY A 338 14.23 14.85 4.07
CA GLY A 338 13.00 14.60 3.33
C GLY A 338 11.74 14.50 4.17
N GLY A 339 11.69 15.13 5.32
CA GLY A 339 10.45 15.18 6.10
C GLY A 339 10.75 15.48 7.53
N TYR A 340 9.75 15.32 8.34
CA TYR A 340 9.86 15.52 9.78
C TYR A 340 10.71 14.43 10.41
N VAL A 341 11.60 14.92 11.27
CA VAL A 341 12.48 14.11 12.13
C VAL A 341 12.28 14.56 13.56
N PHE A 342 12.69 13.70 14.47
CA PHE A 342 12.48 13.99 15.88
C PHE A 342 13.59 13.33 16.67
N PRO A 343 13.86 13.80 17.90
CA PRO A 343 14.90 13.14 18.71
C PRO A 343 14.51 11.74 19.05
N CYS A 344 15.46 10.81 18.86
CA CYS A 344 15.17 9.44 19.19
C CYS A 344 14.84 9.25 20.69
N SER A 345 15.23 10.18 21.52
CA SER A 345 14.91 10.13 22.96
C SER A 345 13.46 10.48 23.24
N ALA A 346 12.69 10.97 22.28
CA ALA A 346 11.30 11.40 22.52
C ALA A 346 10.38 10.24 22.74
N THR A 347 9.31 10.51 23.48
CA THR A 347 8.10 9.68 23.54
C THR A 347 7.03 10.36 22.70
N LEU A 348 6.54 9.72 21.66
CA LEU A 348 5.60 10.35 20.72
C LEU A 348 4.18 10.29 21.23
N PRO A 349 3.39 11.32 20.97
CA PRO A 349 1.95 11.27 21.25
C PRO A 349 1.24 10.39 20.23
N SER A 350 0.08 9.92 20.63
CA SER A 350 -0.79 9.23 19.70
C SER A 350 -1.39 10.23 18.69
N PHE A 351 -2.00 9.69 17.66
CA PHE A 351 -2.71 10.46 16.65
C PHE A 351 -4.04 9.79 16.43
N THR A 352 -5.14 10.54 16.51
CA THR A 352 -6.47 9.98 16.29
C THR A 352 -7.02 10.50 14.99
N PHE A 353 -7.63 9.66 14.17
CA PHE A 353 -8.38 10.12 12.99
C PHE A 353 -9.84 9.70 13.09
N GLY A 354 -10.72 10.51 12.51
CA GLY A 354 -12.16 10.23 12.55
C GLY A 354 -12.60 9.44 11.36
N VAL A 355 -13.53 8.52 11.64
CA VAL A 355 -14.27 7.76 10.63
C VAL A 355 -15.74 7.96 10.99
N GLY A 356 -16.43 8.83 10.30
CA GLY A 356 -17.77 9.22 10.76
C GLY A 356 -17.66 9.69 12.18
N SER A 357 -18.55 9.26 13.07
N SER A 357 -18.54 9.18 13.03
N SER A 357 -18.55 9.26 13.08
N SER A 357 -18.54 9.18 13.03
CA SER A 357 -18.50 9.61 14.51
CA SER A 357 -18.58 9.54 14.47
CA SER A 357 -18.49 9.62 14.51
CA SER A 357 -18.58 9.54 14.47
C SER A 357 -17.52 8.73 15.29
C SER A 357 -17.57 8.71 15.28
C SER A 357 -17.52 8.73 15.29
C SER A 357 -17.57 8.71 15.28
N ALA A 358 -16.90 7.73 14.65
CA ALA A 358 -15.95 6.86 15.31
C ALA A 358 -14.52 7.43 15.24
N ARG A 359 -13.67 6.87 16.02
CA ARG A 359 -12.28 7.38 16.16
C ARG A 359 -11.34 6.20 16.12
N ILE A 360 -10.25 6.27 15.36
CA ILE A 360 -9.17 5.27 15.37
C ILE A 360 -7.96 5.95 15.96
N VAL A 361 -7.39 5.33 16.97
CA VAL A 361 -6.22 5.88 17.64
C VAL A 361 -4.97 5.15 17.19
N ILE A 362 -4.01 5.89 16.65
CA ILE A 362 -2.69 5.39 16.28
C ILE A 362 -1.77 5.63 17.47
N PRO A 363 -1.29 4.58 18.16
CA PRO A 363 -0.35 4.81 19.27
C PRO A 363 0.88 5.53 18.80
N GLY A 364 1.46 6.31 19.72
CA GLY A 364 2.69 7.01 19.40
C GLY A 364 3.80 6.13 18.87
N ASP A 365 3.90 4.93 19.42
N ASP A 365 3.98 4.89 19.35
N ASP A 365 3.91 4.94 19.43
N ASP A 365 3.98 4.90 19.36
CA ASP A 365 4.97 4.02 19.01
CA ASP A 365 5.14 4.11 18.84
CA ASP A 365 4.98 4.03 19.01
CA ASP A 365 5.14 4.11 18.85
C ASP A 365 4.90 3.72 17.52
C ASP A 365 4.91 3.63 17.41
C ASP A 365 4.90 3.72 17.53
C ASP A 365 4.91 3.63 17.41
N TYR A 366 3.69 3.69 16.94
CA TYR A 366 3.50 3.35 15.53
C TYR A 366 4.12 4.45 14.64
N ILE A 367 4.35 5.62 15.16
CA ILE A 367 4.78 6.79 14.38
C ILE A 367 6.30 6.88 14.39
N ASP A 368 6.96 5.86 14.99
N ASP A 368 7.01 6.16 15.28
CA ASP A 368 8.43 5.84 15.05
CA ASP A 368 8.48 6.20 15.29
C ASP A 368 8.96 4.98 13.94
C ASP A 368 9.10 5.24 14.26
N PHE A 369 9.72 5.68 13.12
CA PHE A 369 10.39 4.91 12.06
C PHE A 369 11.89 4.85 12.26
N GLY A 370 12.37 5.14 13.44
CA GLY A 370 13.73 4.83 13.84
C GLY A 370 14.74 5.79 13.22
N PRO A 371 16.04 5.51 13.50
CA PRO A 371 17.11 6.41 13.10
C PRO A 371 17.11 6.69 11.61
N ILE A 372 17.42 7.90 11.24
CA ILE A 372 17.42 8.26 9.81
C ILE A 372 18.54 7.57 9.08
N SER A 373 19.59 7.23 9.74
CA SER A 373 20.75 6.45 9.25
C SER A 373 21.21 5.67 10.38
N THR A 374 21.90 4.57 10.12
CA THR A 374 22.28 3.72 11.17
C THR A 374 23.07 4.42 12.30
N GLY A 375 22.69 4.29 13.56
CA GLY A 375 23.34 4.88 14.68
C GLY A 375 23.01 6.35 14.99
N SER A 376 22.19 6.99 14.15
CA SER A 376 21.82 8.40 14.34
C SER A 376 20.88 8.52 15.56
N SER A 377 20.96 9.64 16.21
CA SER A 377 19.95 10.01 17.23
C SER A 377 18.82 10.86 16.70
N SER A 378 18.76 11.06 15.39
N SER A 378 18.75 11.05 15.39
N SER A 378 18.76 11.06 15.39
N SER A 378 18.75 11.05 15.39
CA SER A 378 17.58 11.67 14.75
CA SER A 378 17.60 11.68 14.71
CA SER A 378 17.58 11.67 14.74
CA SER A 378 17.60 11.68 14.71
C SER A 378 16.76 10.52 14.20
C SER A 378 16.74 10.56 14.14
C SER A 378 16.76 10.53 14.18
C SER A 378 16.74 10.56 14.14
N CYS A 379 15.46 10.56 14.46
CA CYS A 379 14.54 9.49 14.05
C CYS A 379 13.53 10.08 13.07
N PHE A 380 13.09 9.21 12.16
CA PHE A 380 12.17 9.62 11.09
C PHE A 380 10.72 9.46 11.53
N GLY A 381 9.93 10.47 11.26
CA GLY A 381 8.51 10.42 11.68
C GLY A 381 7.62 9.63 10.72
N GLY A 382 6.58 9.04 11.30
CA GLY A 382 5.63 8.26 10.53
C GLY A 382 4.42 9.02 10.03
N ILE A 383 4.31 10.28 10.39
CA ILE A 383 3.30 11.20 9.89
C ILE A 383 4.07 12.27 9.14
N GLN A 384 3.73 12.47 7.87
CA GLN A 384 4.47 13.39 7.00
C GLN A 384 3.47 14.20 6.18
N SER A 385 3.91 15.34 5.68
CA SER A 385 3.04 16.18 4.85
C SER A 385 2.76 15.56 3.50
N SER A 386 1.54 15.70 3.06
CA SER A 386 1.14 15.35 1.71
C SER A 386 1.28 16.49 0.73
N ALA A 387 1.93 17.59 1.09
N ALA A 387 1.58 17.71 1.20
N ALA A 387 1.76 17.66 1.16
N ALA A 387 1.75 17.67 1.16
CA ALA A 387 1.94 18.75 0.18
CA ALA A 387 1.67 18.93 0.36
CA ALA A 387 1.85 18.83 0.26
CA ALA A 387 1.81 18.90 0.33
C ALA A 387 2.99 18.44 -0.89
C ALA A 387 2.26 18.63 -1.02
C ALA A 387 2.89 18.52 -0.81
C ALA A 387 2.36 18.60 -1.07
N GLY A 388 2.54 18.56 -2.13
N GLY A 388 3.40 17.96 -1.09
N GLY A 388 2.47 18.57 -2.08
N GLY A 388 3.44 17.82 -1.18
CA GLY A 388 3.27 18.26 -3.34
CA GLY A 388 4.14 17.76 -2.37
CA GLY A 388 3.31 18.28 -3.24
CA GLY A 388 4.16 17.58 -2.45
C GLY A 388 2.91 16.87 -3.85
C GLY A 388 3.68 16.54 -3.17
C GLY A 388 3.06 16.87 -3.76
C GLY A 388 3.54 16.48 -3.29
N ILE A 389 2.22 16.04 -3.05
N ILE A 389 2.60 15.84 -2.76
N ILE A 389 2.34 16.02 -3.01
N ILE A 389 2.51 15.78 -2.78
CA ILE A 389 1.93 14.64 -3.47
CA ILE A 389 1.94 14.63 -3.40
CA ILE A 389 1.96 14.64 -3.46
CA ILE A 389 1.89 14.56 -3.38
C ILE A 389 0.58 14.69 -4.15
C ILE A 389 0.74 14.92 -4.29
C ILE A 389 0.61 14.72 -4.17
C ILE A 389 0.72 14.91 -4.30
N GLY A 390 -0.23 15.70 -3.82
CA GLY A 390 -1.49 15.94 -4.50
C GLY A 390 -2.65 15.14 -3.93
N ILE A 391 -2.40 14.25 -2.95
CA ILE A 391 -3.45 13.47 -2.26
C ILE A 391 -2.93 13.12 -0.85
N ASN A 392 -3.90 13.02 0.02
CA ASN A 392 -3.61 12.52 1.38
C ASN A 392 -3.65 11.00 1.34
N ILE A 393 -2.78 10.36 2.10
CA ILE A 393 -2.63 8.89 2.03
C ILE A 393 -2.67 8.33 3.43
N PHE A 394 -3.71 7.52 3.67
CA PHE A 394 -3.79 6.71 4.89
C PHE A 394 -3.06 5.41 4.62
N GLY A 395 -1.77 5.42 4.78
CA GLY A 395 -0.90 4.27 4.58
C GLY A 395 -0.86 3.38 5.81
N ASP A 396 0.10 2.51 5.84
CA ASP A 396 0.17 1.42 6.84
C ASP A 396 0.19 1.94 8.27
N VAL A 397 0.84 3.07 8.54
CA VAL A 397 0.82 3.66 9.89
C VAL A 397 -0.61 3.78 10.40
N ALA A 398 -1.49 4.29 9.58
CA ALA A 398 -2.89 4.42 9.96
C ALA A 398 -3.61 3.09 9.90
N LEU A 399 -3.49 2.39 8.79
CA LEU A 399 -4.32 1.19 8.60
C LEU A 399 -4.01 0.12 9.62
N LYS A 400 -2.77 0.00 10.06
N LYS A 400 -2.78 -0.01 10.09
N LYS A 400 -2.76 -0.01 10.06
N LYS A 400 -2.77 -0.01 10.08
CA LYS A 400 -2.39 -1.07 11.01
CA LYS A 400 -2.47 -1.12 11.01
CA LYS A 400 -2.38 -1.07 11.01
CA LYS A 400 -2.47 -1.12 11.01
C LYS A 400 -3.03 -0.85 12.39
C LYS A 400 -3.03 -0.85 12.42
C LYS A 400 -3.02 -0.85 12.39
C LYS A 400 -3.03 -0.85 12.42
N ALA A 401 -3.51 0.37 12.66
CA ALA A 401 -4.25 0.63 13.92
C ALA A 401 -5.69 0.15 13.84
N ALA A 402 -6.12 -0.37 12.73
CA ALA A 402 -7.56 -0.70 12.55
C ALA A 402 -7.69 -2.08 11.88
N PHE A 403 -8.90 -2.61 11.96
CA PHE A 403 -9.40 -3.66 11.09
C PHE A 403 -10.13 -2.95 9.95
N VAL A 404 -9.76 -3.14 8.72
CA VAL A 404 -10.25 -2.31 7.61
C VAL A 404 -10.97 -3.22 6.61
N VAL A 405 -12.22 -2.86 6.31
CA VAL A 405 -13.04 -3.58 5.34
C VAL A 405 -13.08 -2.81 4.04
N PHE A 406 -12.68 -3.44 2.98
CA PHE A 406 -12.76 -2.90 1.61
C PHE A 406 -13.96 -3.58 0.97
N ASN A 407 -15.08 -2.84 1.00
CA ASN A 407 -16.39 -3.37 0.54
C ASN A 407 -16.56 -3.05 -0.93
N GLY A 408 -16.45 -4.06 -1.79
CA GLY A 408 -16.54 -3.97 -3.24
C GLY A 408 -17.93 -4.26 -3.78
N ALA A 409 -18.94 -4.08 -3.01
CA ALA A 409 -20.32 -4.11 -3.53
C ALA A 409 -20.53 -3.00 -4.57
N THR A 410 -21.71 -3.07 -5.22
CA THR A 410 -22.03 -2.18 -6.37
C THR A 410 -21.72 -0.73 -6.01
N THR A 411 -22.10 -0.31 -4.82
CA THR A 411 -21.65 0.96 -4.21
C THR A 411 -20.55 0.63 -3.20
N PRO A 412 -19.25 0.74 -3.60
N PRO A 412 -19.30 0.93 -3.49
CA PRO A 412 -18.19 0.43 -2.64
CA PRO A 412 -18.23 0.54 -2.57
C PRO A 412 -18.20 1.33 -1.42
C PRO A 412 -18.25 1.39 -1.31
N THR A 413 -17.76 0.82 -0.25
CA THR A 413 -17.59 1.58 0.99
C THR A 413 -16.34 1.06 1.67
N LEU A 414 -15.81 1.83 2.62
N LEU A 414 -16.03 1.68 2.80
N LEU A 414 -15.81 1.83 2.62
N LEU A 414 -16.02 1.68 2.80
CA LEU A 414 -14.74 1.36 3.54
CA LEU A 414 -14.79 1.37 3.54
CA LEU A 414 -14.74 1.36 3.54
CA LEU A 414 -14.78 1.38 3.53
C LEU A 414 -15.31 1.21 4.93
C LEU A 414 -15.12 1.36 5.04
C LEU A 414 -15.31 1.21 4.93
C LEU A 414 -15.12 1.36 5.03
N GLY A 415 -14.86 0.25 5.70
CA GLY A 415 -15.18 0.14 7.08
C GLY A 415 -13.97 0.12 7.96
N PHE A 416 -14.01 0.75 9.10
CA PHE A 416 -12.93 0.71 10.10
C PHE A 416 -13.42 0.30 11.43
N ALA A 417 -12.73 -0.58 12.10
CA ALA A 417 -12.98 -0.91 13.50
C ALA A 417 -11.67 -0.87 14.26
N SER A 418 -11.73 -0.53 15.52
N SER A 418 -11.76 -0.59 15.54
CA SER A 418 -10.58 -0.71 16.41
CA SER A 418 -10.65 -0.78 16.50
C SER A 418 -10.36 -2.21 16.63
C SER A 418 -10.35 -2.26 16.64
N LYS A 419 -9.18 -2.56 17.18
CA LYS A 419 -8.81 -3.98 17.38
C LYS A 419 -7.83 -4.12 18.53
C1 GOL B . -6.30 -0.44 18.04
C1 GOL B . -4.52 1.29 18.41
O1 GOL B . -7.45 -0.05 17.29
O1 GOL B . -5.06 2.21 19.35
C2 GOL B . -5.25 0.66 18.12
C2 GOL B . -4.51 -0.10 18.98
O2 GOL B . -5.83 1.81 18.73
O2 GOL B . -5.85 -0.46 19.29
C3 GOL B . -4.01 0.20 18.86
C3 GOL B . -3.88 -1.11 18.06
O3 GOL B . -4.30 -0.15 20.22
O3 GOL B . -4.81 -2.15 17.73
C1 GOL C . -3.06 18.67 1.28
C1 GOL C . -2.82 18.33 0.85
C1 GOL C . -3.08 18.71 1.15
C1 GOL C . -2.77 18.62 1.36
O1 GOL C . -3.16 20.05 1.64
O1 GOL C . -1.41 18.51 0.91
O1 GOL C . -3.18 20.09 1.51
O1 GOL C . -1.35 18.65 1.15
C2 GOL C . -3.38 18.46 -0.18
C2 GOL C . -3.39 18.63 -0.52
C2 GOL C . -3.57 18.46 -0.25
C2 GOL C . -3.49 17.88 0.26
O2 GOL C . -2.63 19.36 -1.00
O2 GOL C . -4.78 18.96 -0.40
O2 GOL C . -3.04 19.42 -1.16
O2 GOL C . -4.34 18.78 -0.47
C3 GOL C . -3.14 17.03 -0.61
C3 GOL C . -3.22 17.49 -1.50
C3 GOL C . -3.26 17.06 -0.71
C3 GOL C . -2.55 17.17 -0.69
O3 GOL C . -1.77 16.81 -0.91
O3 GOL C . -1.85 17.20 -1.72
O3 GOL C . -1.88 16.91 -0.98
O3 GOL C . -1.92 18.09 -1.59
C ACT D . 13.99 4.72 17.99
O ACT D . 15.26 4.53 17.95
OXT ACT D . 13.26 4.16 17.15
CH3 ACT D . 13.33 5.71 19.07
O1 PG4 E . 9.91 7.16 3.19
C1 PG4 E . 9.19 5.94 3.07
C2 PG4 E . 8.92 5.29 4.39
O2 PG4 E . 10.14 4.83 4.96
C3 PG4 E . 10.01 4.53 6.35
C4 PG4 E . 11.33 4.07 6.87
O3 PG4 E . 12.12 5.21 7.17
C5 PG4 E . 13.45 4.88 7.62
C6 PG4 E . 14.24 6.15 7.82
O4 PG4 E . 14.34 6.83 6.58
C7 PG4 E . 15.15 8.01 6.61
C8 PG4 E . 15.17 8.62 5.25
O5 PG4 E . 13.87 8.80 4.73
NA NA F . 12.61 6.41 4.14
C4 R9J G . 7.59 0.45 -3.25
C4 R9J G . 7.59 0.45 -3.25
C5 R9J G . 7.46 -0.56 -2.31
C5 R9J G . 7.46 -0.56 -2.31
C6 R9J G . 8.39 -1.58 -2.25
C6 R9J G . 8.39 -1.58 -2.25
C7 R9J G . 5.40 1.28 -4.02
C7 R9J G . 5.40 1.28 -4.02
C8 R9J G . 4.56 0.14 -3.45
C8 R9J G . 4.56 0.14 -3.45
C9 R9J G . 5.82 0.95 -5.44
C9 R9J G . 5.82 0.95 -5.44
C10 R9J G . 4.62 2.59 -4.04
C10 R9J G . 4.62 2.59 -4.04
O1 R9J G . 5.22 3.65 -3.71
O1 R9J G . 5.22 3.65 -3.71
O R9J G . 3.43 2.48 -4.34
O R9J G . 3.43 2.48 -4.34
N R9J G . 6.60 1.45 -3.20
N R9J G . 6.60 1.45 -3.20
C3 R9J G . 8.67 0.42 -4.13
C3 R9J G . 8.67 0.42 -4.13
C2 R9J G . 9.60 -0.59 -4.05
C2 R9J G . 9.60 -0.59 -4.05
C1 R9J G . 9.47 -1.62 -3.12
C1 R9J G . 9.47 -1.62 -3.12
C R9J G . 10.43 -2.79 -3.13
C R9J G . 10.43 -2.79 -3.13
C4 R9J H . -9.52 21.75 5.99
C4 R9J H . -9.52 21.75 5.99
C5 R9J H . -10.12 20.63 5.45
C5 R9J H . -10.12 20.63 5.45
C6 R9J H . -10.77 20.71 4.23
C6 R9J H . -10.77 20.71 4.23
C7 R9J H . -7.47 21.31 7.39
C7 R9J H . -7.47 21.31 7.39
C8 R9J H . -6.57 22.29 6.63
C8 R9J H . -6.57 22.29 6.64
C9 R9J H . -7.18 19.87 6.93
C9 R9J H . -7.18 19.87 6.93
C10 R9J H . -7.10 21.42 8.84
C10 R9J H . -7.10 21.41 8.84
O1 R9J H . -7.97 21.39 9.71
O1 R9J H . -7.97 21.39 9.71
O R9J H . -5.90 21.55 9.04
O R9J H . -5.90 21.55 9.04
N R9J H . -8.89 21.66 7.23
N R9J H . -8.89 21.66 7.23
C3 R9J H . -9.55 22.95 5.28
C3 R9J H . -9.55 22.95 5.29
C2 R9J H . -10.20 23.01 4.06
C2 R9J H . -10.20 23.01 4.06
C1 R9J H . -10.80 21.90 3.51
C1 R9J H . -10.80 21.90 3.51
C R9J H . -11.47 21.96 2.16
C R9J H . -11.47 21.96 2.16
S DMS I . 13.99 4.06 -7.56
O DMS I . 13.31 2.72 -7.88
C1 DMS I . 12.79 5.08 -6.80
C2 DMS I . 14.14 4.92 -9.10
S DMS J . 6.70 3.53 0.44
O DMS J . 5.50 4.18 0.97
C1 DMS J . 6.70 3.97 -1.23
C2 DMS J . 6.33 1.85 0.32
S DMS K . -0.79 16.01 24.50
O DMS K . -1.22 14.60 24.44
C1 DMS K . -2.12 17.02 23.93
C2 DMS K . 0.27 16.18 23.11
S DMS L . 17.50 -12.50 -18.90
O DMS L . 18.22 -11.18 -18.60
C1 DMS L . 15.78 -12.16 -19.05
C2 DMS L . 17.36 -13.38 -17.35
C1 GOL M . -19.23 -0.58 20.15
O1 GOL M . -20.12 -0.47 19.07
C2 GOL M . -18.16 0.46 20.07
O2 GOL M . -18.74 1.75 20.28
C3 GOL M . -17.45 0.40 18.76
O3 GOL M . -17.74 1.57 18.03
C1 GOL N . 4.19 19.88 23.35
O1 GOL N . 4.42 19.04 24.46
C2 GOL N . 5.29 20.89 23.17
O2 GOL N . 6.51 20.38 22.59
C3 GOL N . 4.85 22.14 22.50
O3 GOL N . 5.60 23.19 23.09
C1 GOL O . 21.44 13.55 14.58
O1 GOL O . 22.43 13.56 15.59
C2 GOL O . 22.09 13.63 13.20
O2 GOL O . 22.46 12.32 12.74
C3 GOL O . 21.36 14.44 12.13
O3 GOL O . 21.66 14.08 10.78
C1 GOL P . -4.63 20.48 16.79
C1 GOL P . -5.13 19.66 16.72
O1 GOL P . -5.01 21.10 15.53
O1 GOL P . -4.04 20.01 17.54
C2 GOL P . -5.23 19.12 17.25
C2 GOL P . -6.18 19.10 17.64
O2 GOL P . -6.62 19.02 16.91
O2 GOL P . -7.16 20.14 17.81
C3 GOL P . -5.12 18.91 18.74
C3 GOL P . -5.49 18.71 18.95
O3 GOL P . -5.69 17.70 19.19
O3 GOL P . -5.89 17.45 19.46
#